data_3QVT
#
_entry.id   3QVT
#
_cell.length_a   82.780
_cell.length_b   89.590
_cell.length_c   105.020
_cell.angle_alpha   90.00
_cell.angle_beta   90.00
_cell.angle_gamma   90.00
#
_symmetry.space_group_name_H-M   'I 2 2 2'
#
loop_
_entity.id
_entity.type
_entity.pdbx_description
1 polymer 'Myo-inositol-1-phosphate synthase (Ino1)'
2 non-polymer 'PHOSPHATE ION'
3 non-polymer '1,4-DIHYDRONICOTINAMIDE ADENINE DINUCLEOTIDE'
4 non-polymer 'TETRAETHYLENE GLYCOL'
5 non-polymer '[(3S,4R,5S)-3,4,5,6,6-pentahydroxy-2-oxo-hexyl] dihydrogen phosphate'
6 non-polymer GLYCEROL
7 non-polymer 'SODIUM ION'
8 water water
#
_entity_poly.entity_id   1
_entity_poly.type   'polypeptide(L)'
_entity_poly.pdbx_seq_one_letter_code
;MKVWLVGAYGIVSTTAMVGARAIERGIAPKIGLVSELPHFEGIEKYAPFSFEFGGHEIRLLSNAYEAAKEHWELNRHFDR
EILEAVKSDLEGIVARKGTALNCGSGIKELGDIKTLEGEGLSLAEMVSRIEEDIKSFADDETVVINVASTEPLPNYSEEY
HGSLEGFERMIDEDRKEYASASMLYAYAALKLGLPYANFTPSPGSAIPALKELAEKKGVPHAGNDGKTGETLVKTTLAPM
FAYRNMEVVGWMSYNILGDYDGKVLSARDNKESKVLSKDKVLEKMLGYSPYSITEIQYFPSLVDNKTAFDFVHFKGFLGK
LMKFYFIWDAIDAIVAAPLILDIARFLLFAKKKGVKGVVKEMAFFFKSPMDTNVINTHEQFVVLKEWYSNLK
;
_entity_poly.pdbx_strand_id   A
#
loop_
_chem_comp.id
_chem_comp.type
_chem_comp.name
_chem_comp.formula
GOL non-polymer GLYCEROL 'C3 H8 O3'
KPG non-polymer '[(3S,4R,5S)-3,4,5,6,6-pentahydroxy-2-oxo-hexyl] dihydrogen phosphate' 'C6 H13 O10 P'
NA non-polymer 'SODIUM ION' 'Na 1'
NAI non-polymer '1,4-DIHYDRONICOTINAMIDE ADENINE DINUCLEOTIDE' 'C21 H29 N7 O14 P2'
PG4 non-polymer 'TETRAETHYLENE GLYCOL' 'C8 H18 O5'
PO4 non-polymer 'PHOSPHATE ION' 'O4 P -3'
#
# COMPACT_ATOMS: atom_id res chain seq x y z
N MET A 1 17.92 -7.44 -3.75
CA MET A 1 16.64 -7.58 -4.53
C MET A 1 16.31 -6.21 -5.14
N LYS A 2 15.31 -6.15 -6.02
CA LYS A 2 14.90 -4.86 -6.58
C LYS A 2 13.45 -4.58 -6.30
N VAL A 3 13.15 -3.34 -5.97
CA VAL A 3 11.76 -2.95 -5.82
C VAL A 3 11.40 -1.82 -6.80
N TRP A 4 10.42 -2.06 -7.67
CA TRP A 4 9.92 -1.02 -8.56
C TRP A 4 8.76 -0.42 -7.83
N LEU A 5 8.78 0.89 -7.62
CA LEU A 5 7.76 1.51 -6.78
C LEU A 5 6.85 2.43 -7.58
N VAL A 6 5.53 2.15 -7.62
CA VAL A 6 4.65 3.09 -8.33
C VAL A 6 4.34 4.29 -7.40
N GLY A 7 4.60 5.52 -7.84
CA GLY A 7 4.59 6.66 -6.92
C GLY A 7 5.92 6.74 -6.21
N ALA A 8 7.01 6.62 -6.96
CA ALA A 8 8.34 6.53 -6.40
C ALA A 8 8.78 7.74 -5.57
N TYR A 9 8.28 8.94 -5.90
CA TYR A 9 8.67 10.16 -5.19
C TYR A 9 7.75 10.56 -4.03
N GLY A 10 6.85 9.68 -3.60
CA GLY A 10 5.95 9.99 -2.50
C GLY A 10 6.67 9.89 -1.20
N ILE A 11 5.98 10.21 -0.10
CA ILE A 11 6.68 10.21 1.19
C ILE A 11 6.98 8.80 1.73
N VAL A 12 6.01 7.89 1.58
CA VAL A 12 6.23 6.51 1.98
C VAL A 12 7.33 5.87 1.16
N SER A 13 7.34 6.12 -0.14
CA SER A 13 8.28 5.49 -1.01
CA SER A 13 8.30 5.49 -1.03
C SER A 13 9.70 5.96 -0.69
N THR A 14 9.88 7.29 -0.58
CA THR A 14 11.21 7.89 -0.30
C THR A 14 11.70 7.60 1.13
N THR A 15 10.82 7.61 2.13
CA THR A 15 11.22 7.23 3.45
C THR A 15 11.70 5.78 3.47
N ALA A 16 11.06 4.92 2.67
CA ALA A 16 11.49 3.50 2.61
C ALA A 16 12.87 3.38 1.94
N MET A 17 13.07 4.19 0.90
CA MET A 17 14.37 4.28 0.25
C MET A 17 15.44 4.75 1.18
N VAL A 18 15.15 5.83 1.92
CA VAL A 18 16.08 6.38 2.91
C VAL A 18 16.44 5.35 3.98
N GLY A 19 15.41 4.74 4.55
CA GLY A 19 15.54 3.71 5.58
C GLY A 19 16.30 2.47 5.11
N ALA A 20 15.87 1.85 4.00
CA ALA A 20 16.68 0.77 3.42
C ALA A 20 18.20 1.06 3.51
N ARG A 21 18.61 2.20 2.99
CA ARG A 21 20.04 2.58 2.84
C ARG A 21 20.76 2.89 4.15
N ALA A 22 20.04 3.57 5.04
CA ALA A 22 20.51 3.88 6.36
C ALA A 22 20.73 2.57 7.11
N ILE A 23 19.80 1.64 6.98
CA ILE A 23 19.96 0.34 7.64
C ILE A 23 21.19 -0.40 7.08
N GLU A 24 21.32 -0.41 5.74
CA GLU A 24 22.44 -1.05 5.06
C GLU A 24 23.78 -0.40 5.31
N ARG A 25 23.80 0.92 5.55
CA ARG A 25 25.08 1.55 5.86
CA ARG A 25 25.04 1.63 5.88
C ARG A 25 25.42 1.41 7.34
N GLY A 26 24.48 0.89 8.13
CA GLY A 26 24.75 0.58 9.54
C GLY A 26 24.31 1.63 10.54
N ILE A 27 23.64 2.66 10.07
CA ILE A 27 23.40 3.82 10.88
C ILE A 27 21.95 3.98 11.38
N ALA A 28 21.14 2.91 11.32
CA ALA A 28 19.77 2.97 11.81
C ALA A 28 19.35 1.59 12.32
N PRO A 29 18.49 1.55 13.33
CA PRO A 29 18.10 0.25 13.86
C PRO A 29 17.11 -0.46 12.90
N LYS A 30 16.76 -1.70 13.21
CA LYS A 30 15.83 -2.43 12.35
C LYS A 30 14.43 -2.38 12.89
N ILE A 31 14.17 -1.46 13.80
CA ILE A 31 12.82 -1.31 14.39
C ILE A 31 11.82 -1.07 13.28
N GLY A 32 10.57 -1.52 13.47
CA GLY A 32 9.55 -1.34 12.45
C GLY A 32 9.46 -2.43 11.40
N LEU A 33 10.51 -3.26 11.26
CA LEU A 33 10.51 -4.24 10.17
C LEU A 33 9.99 -5.61 10.61
N VAL A 34 8.73 -5.93 10.31
CA VAL A 34 8.14 -7.22 10.68
C VAL A 34 9.03 -8.39 10.22
N SER A 35 9.57 -8.26 9.02
CA SER A 35 10.39 -9.33 8.47
C SER A 35 11.65 -9.58 9.28
N GLU A 36 11.92 -8.70 10.27
CA GLU A 36 13.08 -8.82 11.18
C GLU A 36 12.74 -9.34 12.58
N LEU A 37 11.48 -9.67 12.82
CA LEU A 37 11.08 -10.34 14.04
C LEU A 37 11.72 -11.73 14.15
N PRO A 38 11.93 -12.21 15.38
CA PRO A 38 12.58 -13.51 15.51
C PRO A 38 11.84 -14.70 14.83
N HIS A 39 10.51 -14.65 14.70
CA HIS A 39 9.82 -15.75 14.05
C HIS A 39 10.27 -15.97 12.61
N PHE A 40 10.77 -14.91 11.96
CA PHE A 40 11.11 -14.95 10.53
C PHE A 40 12.59 -15.11 10.27
N GLU A 41 13.32 -15.65 11.26
CA GLU A 41 14.77 -15.93 11.06
C GLU A 41 14.92 -16.92 9.93
N GLY A 42 15.90 -16.65 9.09
CA GLY A 42 16.13 -17.52 7.96
C GLY A 42 15.63 -16.87 6.70
N ILE A 43 14.73 -15.87 6.82
CA ILE A 43 14.24 -15.15 5.63
C ILE A 43 15.35 -14.57 4.77
N GLU A 44 16.40 -14.05 5.40
CA GLU A 44 17.59 -13.56 4.71
C GLU A 44 18.25 -14.58 3.78
N LYS A 45 17.83 -15.84 3.84
CA LYS A 45 18.30 -16.88 2.90
C LYS A 45 17.64 -16.69 1.52
N TYR A 46 16.42 -16.19 1.56
CA TYR A 46 15.56 -16.03 0.40
C TYR A 46 15.42 -14.56 -0.01
N ALA A 47 15.41 -13.65 0.98
CA ALA A 47 15.21 -12.22 0.74
C ALA A 47 16.06 -11.38 1.72
N PRO A 48 17.38 -11.31 1.47
CA PRO A 48 18.29 -10.54 2.32
C PRO A 48 17.96 -9.05 2.35
N PHE A 49 18.35 -8.37 3.44
CA PHE A 49 18.11 -6.96 3.54
C PHE A 49 19.03 -6.22 2.59
N SER A 50 18.58 -6.06 1.35
CA SER A 50 19.44 -5.54 0.29
C SER A 50 18.61 -5.07 -0.88
N PHE A 51 18.61 -3.76 -1.15
CA PHE A 51 17.63 -3.12 -2.07
C PHE A 51 18.18 -2.20 -3.13
N GLU A 52 17.70 -2.37 -4.35
CA GLU A 52 17.88 -1.34 -5.39
C GLU A 52 16.50 -0.84 -5.75
N PHE A 53 16.39 0.47 -6.04
CA PHE A 53 15.10 1.02 -6.38
C PHE A 53 14.98 1.67 -7.76
N GLY A 54 13.75 1.59 -8.27
CA GLY A 54 13.33 2.36 -9.45
C GLY A 54 11.84 2.64 -9.28
N GLY A 55 11.19 3.22 -10.27
CA GLY A 55 9.74 3.38 -10.13
C GLY A 55 9.11 4.32 -11.13
N HIS A 56 7.77 4.42 -11.07
CA HIS A 56 7.00 5.39 -11.88
C HIS A 56 6.50 6.56 -11.04
N GLU A 57 6.51 7.75 -11.61
CA GLU A 57 5.97 8.97 -10.99
C GLU A 57 5.31 9.85 -12.04
N ILE A 58 4.44 10.77 -11.60
CA ILE A 58 3.83 11.76 -12.49
C ILE A 58 4.31 13.16 -12.09
N ARG A 59 4.82 13.30 -10.87
CA ARG A 59 5.40 14.54 -10.42
C ARG A 59 6.86 14.41 -10.75
N LEU A 60 7.30 14.92 -11.86
CA LEU A 60 8.71 14.65 -12.11
C LEU A 60 9.54 15.77 -11.47
N LEU A 61 10.36 15.31 -10.51
CA LEU A 61 11.48 16.02 -9.93
C LEU A 61 12.69 15.30 -10.51
N SER A 62 13.90 15.81 -10.24
CA SER A 62 15.12 15.30 -10.89
C SER A 62 15.56 13.88 -10.53
N ASN A 63 15.21 13.44 -9.32
CA ASN A 63 15.71 12.18 -8.74
C ASN A 63 15.13 11.98 -7.34
N ALA A 64 15.37 10.82 -6.74
CA ALA A 64 14.71 10.45 -5.50
C ALA A 64 15.26 11.18 -4.28
N TYR A 65 16.47 11.74 -4.38
CA TYR A 65 17.06 12.49 -3.28
C TYR A 65 16.36 13.82 -3.17
N GLU A 66 16.20 14.55 -4.29
CA GLU A 66 15.39 15.78 -4.28
C GLU A 66 14.00 15.55 -3.73
N ALA A 67 13.40 14.40 -4.05
CA ALA A 67 12.05 14.11 -3.63
C ALA A 67 12.02 13.83 -2.16
N ALA A 68 13.02 13.10 -1.66
CA ALA A 68 13.14 12.75 -0.23
C ALA A 68 13.36 13.98 0.64
N LYS A 69 14.19 14.89 0.15
CA LYS A 69 14.50 16.14 0.87
C LYS A 69 13.32 17.09 0.95
N GLU A 70 12.46 17.10 -0.06
CA GLU A 70 11.28 17.94 -0.04
C GLU A 70 10.34 17.50 1.07
N HIS A 71 10.09 16.20 1.17
CA HIS A 71 9.23 15.69 2.26
C HIS A 71 9.90 15.86 3.61
N TRP A 72 11.22 15.69 3.64
CA TRP A 72 11.95 15.86 4.87
C TRP A 72 11.87 17.33 5.36
N GLU A 73 12.12 18.29 4.47
CA GLU A 73 12.01 19.71 4.78
C GLU A 73 10.74 20.07 5.52
N LEU A 74 9.62 19.49 5.11
CA LEU A 74 8.34 19.77 5.76
C LEU A 74 8.14 18.95 7.02
N ASN A 75 8.71 17.74 7.05
CA ASN A 75 8.38 16.76 8.12
C ASN A 75 9.49 16.49 9.13
N ARG A 76 10.73 16.54 8.70
CA ARG A 76 11.86 16.25 9.60
C ARG A 76 11.64 14.94 10.38
N HIS A 77 11.23 13.89 9.68
CA HIS A 77 10.79 12.62 10.29
C HIS A 77 11.93 11.59 10.44
N PHE A 78 13.10 11.99 9.95
CA PHE A 78 14.37 11.33 10.27
C PHE A 78 15.44 12.43 10.40
N ASP A 79 16.62 12.06 10.85
CA ASP A 79 17.67 13.02 11.17
C ASP A 79 18.34 13.55 9.92
N ARG A 80 18.85 14.79 9.99
CA ARG A 80 19.59 15.38 8.87
C ARG A 80 20.77 14.51 8.49
N GLU A 81 21.41 13.92 9.48
CA GLU A 81 22.59 13.13 9.20
CA GLU A 81 22.56 13.02 9.33
C GLU A 81 22.28 11.87 8.36
N ILE A 82 21.08 11.31 8.48
CA ILE A 82 20.61 10.21 7.62
C ILE A 82 20.46 10.71 6.19
N LEU A 83 19.69 11.76 6.00
CA LEU A 83 19.54 12.36 4.68
C LEU A 83 20.85 12.59 3.94
N GLU A 84 21.86 13.08 4.64
CA GLU A 84 23.18 13.37 4.07
CA GLU A 84 23.12 13.34 3.96
C GLU A 84 23.87 12.07 3.65
N ALA A 85 23.72 11.03 4.48
CA ALA A 85 24.40 9.75 4.31
C ALA A 85 23.93 8.97 3.11
N VAL A 86 22.63 9.05 2.87
CA VAL A 86 21.97 8.35 1.77
C VAL A 86 21.75 9.22 0.53
N LYS A 87 22.30 10.43 0.52
CA LYS A 87 22.08 11.37 -0.57
C LYS A 87 22.56 10.82 -1.91
N SER A 88 23.78 10.31 -1.91
CA SER A 88 24.43 9.85 -3.14
C SER A 88 23.68 8.68 -3.75
N ASP A 89 23.37 7.69 -2.91
CA ASP A 89 22.55 6.58 -3.32
CA ASP A 89 22.50 6.56 -3.28
C ASP A 89 21.23 7.05 -3.94
N LEU A 90 20.48 7.90 -3.25
CA LEU A 90 19.19 8.38 -3.77
C LEU A 90 19.30 9.23 -5.04
N GLU A 91 20.38 9.97 -5.20
CA GLU A 91 20.53 10.79 -6.38
C GLU A 91 20.63 9.94 -7.66
N GLY A 92 21.10 8.70 -7.52
CA GLY A 92 21.04 7.69 -8.59
C GLY A 92 19.66 7.09 -8.87
N ILE A 93 18.65 7.39 -8.06
CA ILE A 93 17.33 6.86 -8.34
C ILE A 93 16.49 7.91 -9.05
N VAL A 94 16.15 7.62 -10.31
CA VAL A 94 15.37 8.50 -11.21
C VAL A 94 14.09 7.81 -11.71
N ALA A 95 12.92 8.29 -11.29
CA ALA A 95 11.64 7.70 -11.76
C ALA A 95 11.36 7.95 -13.24
N ARG A 96 10.53 7.05 -13.78
CA ARG A 96 10.08 7.14 -15.14
CA ARG A 96 10.08 7.12 -15.16
C ARG A 96 8.64 7.62 -15.18
N LYS A 97 8.25 8.19 -16.33
CA LYS A 97 6.93 8.80 -16.47
C LYS A 97 5.82 7.74 -16.50
N GLY A 98 4.95 7.78 -15.48
CA GLY A 98 3.81 6.87 -15.39
C GLY A 98 2.53 7.40 -15.99
N THR A 99 1.42 6.77 -15.60
CA THR A 99 0.07 7.14 -16.07
C THR A 99 -0.85 7.46 -14.90
N ALA A 100 -1.61 8.54 -15.01
CA ALA A 100 -2.59 8.90 -13.99
C ALA A 100 -4.00 8.69 -14.54
N LEU A 101 -4.13 7.68 -15.39
CA LEU A 101 -5.36 7.40 -16.12
C LEU A 101 -6.53 7.20 -15.17
N ASN A 102 -7.58 8.02 -15.29
CA ASN A 102 -8.76 7.86 -14.42
C ASN A 102 -8.48 7.80 -12.89
N CYS A 103 -7.49 8.59 -12.44
CA CYS A 103 -7.14 8.65 -11.02
C CYS A 103 -7.88 9.75 -10.24
N GLY A 104 -8.99 10.24 -10.77
CA GLY A 104 -9.90 11.04 -9.96
C GLY A 104 -9.46 12.48 -9.88
N SER A 105 -10.36 13.32 -9.34
CA SER A 105 -10.19 14.77 -9.36
C SER A 105 -9.07 15.26 -8.46
N GLY A 106 -8.87 14.58 -7.32
CA GLY A 106 -7.80 14.84 -6.35
C GLY A 106 -6.36 14.96 -6.85
N ILE A 107 -6.05 14.33 -7.99
CA ILE A 107 -4.73 14.46 -8.68
C ILE A 107 -4.35 15.91 -9.05
N LYS A 108 -5.36 16.77 -9.22
CA LYS A 108 -5.12 18.21 -9.43
C LYS A 108 -4.26 18.85 -8.32
N GLU A 109 -4.43 18.34 -7.11
CA GLU A 109 -3.79 18.84 -5.87
C GLU A 109 -2.28 18.59 -5.74
N LEU A 110 -1.73 17.79 -6.65
CA LEU A 110 -0.28 17.51 -6.75
C LEU A 110 0.53 18.59 -7.52
N GLY A 111 -0.17 19.53 -8.16
CA GLY A 111 0.45 20.61 -8.91
C GLY A 111 0.95 20.15 -10.25
N ASP A 112 2.21 20.43 -10.55
CA ASP A 112 2.84 20.14 -11.83
C ASP A 112 3.07 18.63 -12.11
N ILE A 113 2.26 18.06 -12.99
CA ILE A 113 2.40 16.65 -13.35
C ILE A 113 2.55 16.42 -14.85
N LYS A 114 3.21 15.33 -15.23
CA LYS A 114 3.28 14.88 -16.63
C LYS A 114 2.99 13.38 -16.71
N THR A 115 2.20 12.98 -17.70
CA THR A 115 1.66 11.63 -17.77
C THR A 115 1.69 11.08 -19.19
N LEU A 116 1.68 9.75 -19.28
CA LEU A 116 1.70 9.09 -20.56
C LEU A 116 0.44 9.38 -21.35
N GLU A 117 -0.72 9.27 -20.72
CA GLU A 117 -1.97 9.60 -21.41
C GLU A 117 -1.99 11.02 -21.96
N GLY A 118 -1.34 11.94 -21.25
CA GLY A 118 -1.17 13.32 -21.72
C GLY A 118 -0.33 13.46 -22.99
N GLU A 119 0.39 12.40 -23.35
CA GLU A 119 1.10 12.33 -24.64
C GLU A 119 0.27 11.78 -25.80
N GLY A 120 -0.98 11.42 -25.55
CA GLY A 120 -1.86 10.86 -26.56
C GLY A 120 -1.79 9.34 -26.83
N LEU A 121 -1.09 8.59 -25.97
CA LEU A 121 -0.85 7.18 -26.18
C LEU A 121 -2.14 6.40 -25.98
N SER A 122 -2.36 5.37 -26.79
CA SER A 122 -3.51 4.46 -26.57
C SER A 122 -3.23 3.63 -25.31
N LEU A 123 -4.19 2.84 -24.85
CA LEU A 123 -3.91 1.97 -23.70
C LEU A 123 -2.78 0.98 -24.01
N ALA A 124 -2.79 0.41 -25.22
CA ALA A 124 -1.84 -0.60 -25.63
C ALA A 124 -0.45 0.00 -25.72
N GLU A 125 -0.39 1.26 -26.12
CA GLU A 125 0.89 1.98 -26.26
C GLU A 125 1.44 2.37 -24.88
N MET A 126 0.50 2.68 -23.97
CA MET A 126 0.80 2.97 -22.56
C MET A 126 1.37 1.74 -21.89
N VAL A 127 0.64 0.62 -22.02
CA VAL A 127 1.03 -0.62 -21.39
C VAL A 127 2.44 -0.97 -21.82
N SER A 128 2.79 -0.65 -23.07
CA SER A 128 4.10 -1.01 -23.60
C SER A 128 5.24 -0.17 -23.03
N ARG A 129 4.99 1.12 -22.74
CA ARG A 129 6.00 1.99 -22.10
C ARG A 129 6.24 1.48 -20.69
N ILE A 130 5.15 1.31 -19.93
CA ILE A 130 5.20 0.79 -18.58
C ILE A 130 6.00 -0.50 -18.53
N GLU A 131 5.64 -1.51 -19.33
CA GLU A 131 6.34 -2.78 -19.38
C GLU A 131 7.79 -2.55 -19.79
N GLU A 132 8.05 -1.78 -20.83
CA GLU A 132 9.45 -1.49 -21.19
CA GLU A 132 9.44 -1.42 -21.22
C GLU A 132 10.24 -0.88 -20.03
N ASP A 133 9.64 0.04 -19.26
CA ASP A 133 10.34 0.64 -18.11
C ASP A 133 10.67 -0.39 -17.05
N ILE A 134 9.65 -1.15 -16.65
CA ILE A 134 9.82 -2.17 -15.65
C ILE A 134 10.80 -3.26 -16.06
N LYS A 135 10.65 -3.82 -17.28
CA LYS A 135 11.49 -4.96 -17.70
C LYS A 135 12.97 -4.62 -17.92
N SER A 136 13.24 -3.35 -18.22
CA SER A 136 14.61 -2.89 -18.39
CA SER A 136 14.60 -2.81 -18.38
C SER A 136 15.35 -2.75 -17.05
N PHE A 137 14.58 -2.80 -15.97
CA PHE A 137 15.07 -2.71 -14.62
C PHE A 137 15.05 -4.09 -14.00
N ALA A 138 14.00 -4.86 -14.29
CA ALA A 138 13.68 -6.07 -13.54
C ALA A 138 14.74 -7.13 -13.67
N ASP A 139 14.91 -7.90 -12.60
CA ASP A 139 15.63 -9.17 -12.66
C ASP A 139 14.77 -10.28 -12.04
N ASP A 140 15.40 -11.41 -11.73
CA ASP A 140 14.73 -12.58 -11.15
CA ASP A 140 14.72 -12.58 -11.16
C ASP A 140 14.43 -12.40 -9.66
N GLU A 141 14.77 -11.23 -9.12
CA GLU A 141 14.58 -10.92 -7.70
C GLU A 141 13.91 -9.54 -7.54
N THR A 142 13.08 -9.19 -8.53
CA THR A 142 12.34 -7.93 -8.55
C THR A 142 10.87 -8.11 -8.19
N VAL A 143 10.31 -7.09 -7.55
CA VAL A 143 8.92 -7.03 -7.12
CA VAL A 143 8.89 -7.05 -7.23
C VAL A 143 8.45 -5.61 -7.48
N VAL A 144 7.17 -5.43 -7.78
CA VAL A 144 6.59 -4.11 -8.05
C VAL A 144 5.57 -3.81 -6.96
N ILE A 145 5.66 -2.62 -6.36
CA ILE A 145 4.73 -2.25 -5.23
C ILE A 145 4.07 -0.90 -5.53
N ASN A 146 2.76 -0.90 -5.54
CA ASN A 146 2.07 0.35 -5.76
C ASN A 146 1.95 1.17 -4.48
N VAL A 147 2.66 2.33 -4.44
CA VAL A 147 2.45 3.35 -3.37
C VAL A 147 1.89 4.72 -3.87
N ALA A 148 1.17 4.71 -4.99
CA ALA A 148 0.67 5.94 -5.65
C ALA A 148 -0.55 6.55 -4.95
N SER A 149 -0.80 7.84 -5.19
CA SER A 149 -2.03 8.47 -4.68
C SER A 149 -3.24 7.52 -4.85
N THR A 150 -4.08 7.46 -3.82
CA THR A 150 -5.33 6.68 -3.86
C THR A 150 -6.24 7.12 -5.00
N GLU A 151 -6.77 6.18 -5.77
CA GLU A 151 -7.74 6.48 -6.84
C GLU A 151 -9.14 6.41 -6.24
N PRO A 152 -10.15 6.94 -6.97
CA PRO A 152 -11.56 6.75 -6.62
C PRO A 152 -12.03 5.33 -6.95
N LEU A 153 -13.26 4.95 -6.56
CA LEU A 153 -13.82 3.64 -6.96
C LEU A 153 -13.90 3.60 -8.48
N PRO A 154 -13.49 2.47 -9.13
CA PRO A 154 -13.54 2.47 -10.61
C PRO A 154 -14.95 2.19 -11.17
N ASN A 155 -15.13 2.51 -12.45
CA ASN A 155 -16.36 2.11 -13.15
C ASN A 155 -16.24 0.63 -13.36
N TYR A 156 -16.87 -0.17 -12.51
CA TYR A 156 -16.68 -1.62 -12.65
C TYR A 156 -17.46 -2.13 -13.86
N SER A 157 -16.89 -3.14 -14.51
CA SER A 157 -17.45 -3.75 -15.71
C SER A 157 -17.22 -5.23 -15.64
N GLU A 158 -18.28 -6.00 -15.86
CA GLU A 158 -18.15 -7.44 -15.90
C GLU A 158 -17.32 -7.91 -17.11
N GLU A 159 -17.62 -7.40 -18.31
CA GLU A 159 -16.88 -7.85 -19.48
C GLU A 159 -15.40 -7.59 -19.33
N TYR A 160 -15.07 -6.35 -19.06
CA TYR A 160 -13.69 -5.92 -19.09
C TYR A 160 -12.85 -6.24 -17.85
N HIS A 161 -13.49 -6.57 -16.72
CA HIS A 161 -12.75 -6.85 -15.47
C HIS A 161 -12.94 -8.26 -14.95
N GLY A 162 -13.95 -8.94 -15.46
CA GLY A 162 -14.34 -10.24 -14.89
C GLY A 162 -13.62 -11.44 -15.43
N SER A 163 -12.73 -11.22 -16.40
CA SER A 163 -11.91 -12.28 -17.02
C SER A 163 -10.69 -11.63 -17.62
N LEU A 164 -9.61 -12.39 -17.73
CA LEU A 164 -8.38 -11.91 -18.36
C LEU A 164 -8.57 -11.68 -19.87
N GLU A 165 -9.40 -12.51 -20.49
CA GLU A 165 -9.66 -12.37 -21.92
C GLU A 165 -10.45 -11.08 -22.20
N GLY A 166 -11.38 -10.75 -21.29
CA GLY A 166 -12.13 -9.50 -21.36
C GLY A 166 -11.29 -8.28 -21.02
N PHE A 167 -10.35 -8.40 -20.08
CA PHE A 167 -9.43 -7.32 -19.76
C PHE A 167 -8.50 -6.95 -20.96
N GLU A 168 -7.98 -7.95 -21.64
CA GLU A 168 -7.14 -7.71 -22.82
C GLU A 168 -7.93 -7.19 -24.02
N ARG A 169 -9.19 -7.60 -24.11
CA ARG A 169 -10.13 -7.02 -25.09
C ARG A 169 -10.29 -5.50 -24.84
N MET A 170 -10.29 -5.08 -23.57
CA MET A 170 -10.31 -3.66 -23.21
C MET A 170 -9.10 -2.90 -23.76
N ILE A 171 -7.94 -3.52 -23.61
CA ILE A 171 -6.69 -2.93 -24.06
C ILE A 171 -6.66 -2.88 -25.58
N ASP A 172 -7.01 -3.97 -26.24
CA ASP A 172 -7.10 -4.00 -27.68
C ASP A 172 -8.08 -2.96 -28.22
N GLU A 173 -9.20 -2.75 -27.54
CA GLU A 173 -10.22 -1.79 -28.00
C GLU A 173 -9.96 -0.37 -27.53
N ASP A 174 -8.91 -0.19 -26.74
CA ASP A 174 -8.51 1.12 -26.25
C ASP A 174 -9.62 1.78 -25.43
N ARG A 175 -10.36 0.96 -24.65
CA ARG A 175 -11.55 1.44 -23.90
C ARG A 175 -11.12 2.02 -22.59
N LYS A 176 -10.67 3.27 -22.62
CA LYS A 176 -10.05 3.88 -21.44
C LYS A 176 -11.02 4.05 -20.31
N GLU A 177 -12.28 4.33 -20.66
CA GLU A 177 -13.30 4.59 -19.68
C GLU A 177 -13.31 3.56 -18.55
N TYR A 178 -12.77 2.36 -18.82
CA TYR A 178 -12.87 1.22 -17.89
C TYR A 178 -11.55 0.77 -17.27
N ALA A 179 -10.49 1.53 -17.55
CA ALA A 179 -9.16 1.21 -17.12
C ALA A 179 -8.81 2.28 -16.13
N SER A 180 -8.09 1.93 -15.07
CA SER A 180 -7.50 2.95 -14.21
C SER A 180 -6.03 2.65 -14.14
N ALA A 181 -5.21 3.65 -13.83
CA ALA A 181 -3.77 3.40 -13.78
C ALA A 181 -3.36 2.24 -12.90
N SER A 182 -3.95 2.07 -11.71
CA SER A 182 -3.47 0.99 -10.83
C SER A 182 -3.61 -0.39 -11.47
N MET A 183 -4.63 -0.56 -12.32
CA MET A 183 -4.83 -1.84 -13.01
C MET A 183 -3.78 -2.03 -14.10
N LEU A 184 -3.46 -0.95 -14.81
CA LEU A 184 -2.41 -1.02 -15.84
C LEU A 184 -1.01 -1.38 -15.30
N TYR A 185 -0.66 -0.91 -14.12
CA TYR A 185 0.68 -1.22 -13.57
C TYR A 185 0.73 -2.63 -13.03
N ALA A 186 -0.37 -3.07 -12.42
CA ALA A 186 -0.58 -4.45 -11.96
C ALA A 186 -0.48 -5.42 -13.09
N TYR A 187 -1.20 -5.14 -14.19
CA TYR A 187 -1.15 -5.92 -15.41
C TYR A 187 0.27 -5.99 -15.99
N ALA A 188 0.92 -4.85 -16.13
CA ALA A 188 2.28 -4.82 -16.62
C ALA A 188 3.19 -5.70 -15.78
N ALA A 189 3.08 -5.67 -14.45
CA ALA A 189 3.99 -6.43 -13.59
C ALA A 189 3.72 -7.93 -13.61
N LEU A 190 2.47 -8.32 -13.70
CA LEU A 190 2.10 -9.71 -13.69
C LEU A 190 2.39 -10.33 -15.07
N LYS A 191 2.08 -9.60 -16.15
CA LYS A 191 2.48 -10.01 -17.52
C LYS A 191 3.98 -10.28 -17.61
N LEU A 192 4.75 -9.54 -16.83
CA LEU A 192 6.21 -9.66 -16.89
C LEU A 192 6.69 -10.72 -15.92
N GLY A 193 5.76 -11.38 -15.25
CA GLY A 193 6.05 -12.39 -14.25
C GLY A 193 6.65 -11.88 -12.95
N LEU A 194 6.44 -10.60 -12.62
CA LEU A 194 6.94 -10.06 -11.33
C LEU A 194 5.88 -10.13 -10.22
N PRO A 195 6.28 -10.46 -8.97
CA PRO A 195 5.30 -10.31 -7.87
C PRO A 195 4.85 -8.85 -7.69
N TYR A 196 3.64 -8.63 -7.20
CA TYR A 196 3.05 -7.31 -7.14
C TYR A 196 2.37 -7.18 -5.79
N ALA A 197 2.51 -6.02 -5.13
CA ALA A 197 1.59 -5.68 -4.06
C ALA A 197 1.04 -4.30 -4.26
N ASN A 198 -0.18 -4.08 -3.77
CA ASN A 198 -0.91 -2.83 -3.77
C ASN A 198 -1.02 -2.25 -2.35
N PHE A 199 -0.31 -1.15 -2.07
CA PHE A 199 -0.33 -0.57 -0.72
C PHE A 199 -1.49 0.43 -0.46
N THR A 200 -2.33 0.67 -1.47
CA THR A 200 -3.32 1.72 -1.49
C THR A 200 -4.66 1.05 -1.73
N PRO A 201 -5.78 1.77 -1.52
CA PRO A 201 -7.12 1.22 -1.75
C PRO A 201 -7.55 1.29 -3.21
N SER A 202 -6.67 1.76 -4.11
CA SER A 202 -6.97 1.63 -5.51
C SER A 202 -7.26 0.14 -5.80
N PRO A 203 -7.97 -0.19 -6.89
CA PRO A 203 -8.17 -1.63 -7.24
C PRO A 203 -6.90 -2.48 -7.53
N GLY A 204 -5.93 -1.93 -8.27
CA GLY A 204 -4.69 -2.66 -8.61
C GLY A 204 -5.01 -4.02 -9.23
N SER A 205 -4.53 -5.09 -8.58
CA SER A 205 -4.67 -6.45 -9.11
C SER A 205 -5.88 -7.20 -8.51
N ALA A 206 -6.68 -6.47 -7.73
CA ALA A 206 -7.85 -7.03 -7.04
C ALA A 206 -9.11 -7.10 -7.91
N ILE A 207 -8.96 -7.39 -9.20
CA ILE A 207 -10.12 -7.66 -10.07
C ILE A 207 -9.90 -9.07 -10.61
N PRO A 208 -10.97 -9.83 -10.95
CA PRO A 208 -10.75 -11.22 -11.34
C PRO A 208 -9.81 -11.39 -12.52
N ALA A 209 -9.94 -10.52 -13.50
CA ALA A 209 -9.10 -10.54 -14.68
C ALA A 209 -7.67 -10.69 -14.24
N LEU A 210 -7.25 -9.90 -13.25
CA LEU A 210 -5.81 -9.86 -12.89
C LEU A 210 -5.41 -10.94 -11.90
N LYS A 211 -6.40 -11.42 -11.14
CA LYS A 211 -6.20 -12.54 -10.26
C LYS A 211 -5.99 -13.80 -11.08
N GLU A 212 -6.86 -14.01 -12.09
CA GLU A 212 -6.74 -15.06 -13.11
C GLU A 212 -5.40 -14.97 -13.87
N LEU A 213 -4.94 -13.78 -14.19
CA LEU A 213 -3.63 -13.68 -14.80
C LEU A 213 -2.49 -14.08 -13.84
N ALA A 214 -2.62 -13.75 -12.56
CA ALA A 214 -1.58 -14.06 -11.58
C ALA A 214 -1.41 -15.57 -11.42
N GLU A 215 -2.52 -16.30 -11.27
CA GLU A 215 -2.54 -17.78 -11.23
C GLU A 215 -1.91 -18.40 -12.50
N LYS A 216 -2.41 -17.99 -13.66
CA LYS A 216 -1.95 -18.53 -14.95
C LYS A 216 -0.45 -18.31 -15.11
N LYS A 217 0.02 -17.09 -14.90
CA LYS A 217 1.44 -16.77 -14.98
C LYS A 217 2.25 -17.38 -13.81
N GLY A 218 1.55 -17.88 -12.78
CA GLY A 218 2.18 -18.46 -11.57
C GLY A 218 2.92 -17.46 -10.68
N VAL A 219 2.35 -16.25 -10.56
CA VAL A 219 2.95 -15.13 -9.85
C VAL A 219 2.19 -14.82 -8.54
N PRO A 220 2.91 -14.65 -7.39
CA PRO A 220 2.21 -14.26 -6.16
C PRO A 220 1.89 -12.77 -6.14
N HIS A 221 0.75 -12.39 -5.54
CA HIS A 221 0.44 -10.96 -5.37
C HIS A 221 -0.30 -10.67 -4.08
N ALA A 222 -0.23 -9.44 -3.58
CA ALA A 222 -0.82 -9.14 -2.25
C ALA A 222 -1.43 -7.75 -2.18
N GLY A 223 -2.38 -7.57 -1.28
CA GLY A 223 -3.14 -6.33 -1.17
C GLY A 223 -4.42 -6.59 -0.41
N ASN A 224 -5.20 -5.54 -0.15
CA ASN A 224 -4.92 -4.18 -0.58
C ASN A 224 -4.97 -3.25 0.62
N ASP A 225 -4.15 -2.21 0.55
CA ASP A 225 -4.22 -1.00 1.37
C ASP A 225 -3.48 -1.09 2.71
N GLY A 226 -2.32 -0.45 2.82
CA GLY A 226 -1.53 -0.60 4.04
C GLY A 226 -2.37 -0.28 5.24
N LYS A 227 -2.40 -1.21 6.20
CA LYS A 227 -3.05 -1.00 7.48
C LYS A 227 -1.97 -0.64 8.48
N THR A 228 -1.92 0.63 8.87
CA THR A 228 -0.70 1.16 9.47
C THR A 228 -0.89 1.87 10.85
N GLY A 229 -2.04 2.50 11.06
CA GLY A 229 -2.25 3.25 12.30
C GLY A 229 -3.63 3.07 12.88
N GLU A 230 -4.53 4.00 12.60
CA GLU A 230 -5.81 3.94 13.23
C GLU A 230 -6.54 2.60 12.95
N THR A 231 -6.44 2.09 11.72
CA THR A 231 -7.12 0.84 11.34
C THR A 231 -6.45 -0.42 11.93
N LEU A 232 -5.13 -0.37 12.08
CA LEU A 232 -4.39 -1.30 12.94
C LEU A 232 -4.90 -1.38 14.39
N VAL A 233 -5.18 -0.23 15.01
CA VAL A 233 -5.68 -0.22 16.37
C VAL A 233 -7.07 -0.79 16.32
N LYS A 234 -7.87 -0.34 15.35
CA LYS A 234 -9.25 -0.84 15.19
C LYS A 234 -9.34 -2.38 15.12
N THR A 235 -8.48 -3.01 14.31
CA THR A 235 -8.54 -4.46 14.15
C THR A 235 -7.87 -5.20 15.28
N THR A 236 -7.16 -4.45 16.16
CA THR A 236 -6.61 -4.98 17.40
C THR A 236 -7.58 -4.90 18.60
N LEU A 237 -8.38 -3.83 18.68
CA LEU A 237 -9.21 -3.55 19.85
CA LEU A 237 -9.19 -3.61 19.87
C LEU A 237 -10.65 -3.98 19.70
N ALA A 238 -11.16 -3.95 18.48
CA ALA A 238 -12.56 -4.43 18.26
C ALA A 238 -12.81 -5.86 18.78
N PRO A 239 -11.91 -6.84 18.47
CA PRO A 239 -11.87 -8.19 19.03
C PRO A 239 -12.06 -8.28 20.56
N MET A 240 -11.41 -7.40 21.32
CA MET A 240 -11.58 -7.37 22.78
C MET A 240 -13.04 -7.36 23.23
N PHE A 241 -13.89 -6.68 22.47
CA PHE A 241 -15.29 -6.43 22.85
C PHE A 241 -16.10 -7.68 22.54
N ALA A 242 -15.72 -8.35 21.45
CA ALA A 242 -16.32 -9.64 21.11
C ALA A 242 -15.90 -10.76 22.09
N TYR A 243 -14.59 -10.81 22.44
CA TYR A 243 -14.12 -11.76 23.46
C TYR A 243 -14.89 -11.70 24.76
N ARG A 244 -15.48 -10.53 25.06
CA ARG A 244 -16.11 -10.26 26.34
C ARG A 244 -17.62 -10.17 26.23
N ASN A 245 -18.14 -10.56 25.08
CA ASN A 245 -19.55 -10.58 24.76
C ASN A 245 -20.22 -9.23 24.94
N MET A 246 -19.57 -8.17 24.46
CA MET A 246 -20.13 -6.81 24.50
C MET A 246 -20.63 -6.35 23.11
N GLU A 247 -21.76 -5.65 23.05
CA GLU A 247 -22.19 -5.05 21.77
CA GLU A 247 -22.19 -5.07 21.78
C GLU A 247 -21.55 -3.67 21.58
N VAL A 248 -20.86 -3.47 20.44
CA VAL A 248 -20.34 -2.14 20.01
C VAL A 248 -21.51 -1.46 19.31
N VAL A 249 -22.02 -0.35 19.87
CA VAL A 249 -23.18 0.30 19.27
C VAL A 249 -22.81 1.46 18.35
N GLY A 250 -21.59 2.01 18.46
CA GLY A 250 -21.19 3.03 17.50
C GLY A 250 -19.68 3.18 17.57
N TRP A 251 -19.02 3.46 16.44
CA TRP A 251 -17.54 3.70 16.42
C TRP A 251 -17.16 4.86 15.51
N MET A 252 -16.56 5.93 16.05
CA MET A 252 -16.35 7.07 15.20
C MET A 252 -14.87 7.09 14.93
N SER A 253 -14.45 7.39 13.70
CA SER A 253 -13.06 7.44 13.37
C SER A 253 -12.79 8.70 12.55
N TYR A 254 -12.06 9.67 13.10
CA TYR A 254 -11.97 10.96 12.48
C TYR A 254 -10.51 11.20 12.35
N ASN A 255 -10.06 11.45 11.13
CA ASN A 255 -8.66 11.53 10.78
C ASN A 255 -8.40 12.86 10.08
N ILE A 256 -7.24 13.46 10.34
CA ILE A 256 -6.95 14.79 9.82
C ILE A 256 -5.47 14.69 9.53
N LEU A 257 -5.04 15.15 8.36
CA LEU A 257 -3.63 15.06 7.99
C LEU A 257 -3.41 16.10 6.93
N GLY A 258 -2.18 16.32 6.54
CA GLY A 258 -1.92 17.19 5.38
C GLY A 258 -0.96 16.58 4.34
N ASP A 259 -0.03 17.36 3.82
CA ASP A 259 0.89 16.81 2.81
C ASP A 259 0.14 16.28 1.57
N TYR A 260 0.87 15.64 0.67
CA TYR A 260 0.27 15.18 -0.59
C TYR A 260 -0.87 14.17 -0.45
N ASP A 261 -0.78 13.24 0.49
CA ASP A 261 -1.88 12.28 0.74
C ASP A 261 -3.19 12.99 1.20
N GLY A 262 -3.12 13.88 2.18
CA GLY A 262 -4.32 14.55 2.70
C GLY A 262 -4.94 15.43 1.63
N LYS A 263 -4.08 15.98 0.77
CA LYS A 263 -4.45 16.88 -0.33
C LYS A 263 -5.28 16.15 -1.40
N VAL A 264 -4.80 15.02 -1.91
CA VAL A 264 -5.57 14.18 -2.85
C VAL A 264 -6.88 13.67 -2.22
N LEU A 265 -6.80 13.30 -0.95
CA LEU A 265 -7.97 12.77 -0.22
C LEU A 265 -8.96 13.86 0.18
N SER A 266 -8.54 15.13 0.12
CA SER A 266 -9.46 16.26 0.27
C SER A 266 -10.57 16.24 -0.80
N ALA A 267 -10.33 15.52 -1.91
CA ALA A 267 -11.33 15.38 -3.00
C ALA A 267 -12.23 14.20 -2.67
N ARG A 268 -13.52 14.37 -2.96
CA ARG A 268 -14.58 13.51 -2.46
C ARG A 268 -14.57 12.16 -3.13
N ASP A 269 -14.24 12.14 -4.43
CA ASP A 269 -14.14 10.90 -5.21
C ASP A 269 -12.96 10.01 -4.77
N ASN A 270 -11.76 10.61 -4.62
CA ASN A 270 -10.57 9.92 -4.05
C ASN A 270 -10.71 9.46 -2.59
N LYS A 271 -11.30 10.32 -1.76
CA LYS A 271 -11.52 10.04 -0.33
C LYS A 271 -12.31 8.73 -0.09
N GLU A 272 -13.28 8.45 -0.96
CA GLU A 272 -14.23 7.34 -0.78
C GLU A 272 -13.60 5.94 -0.76
N SER A 273 -12.57 5.71 -1.60
CA SER A 273 -11.84 4.43 -1.59
C SER A 273 -11.30 4.17 -0.20
N LYS A 274 -10.61 5.17 0.35
CA LYS A 274 -9.93 5.04 1.63
C LYS A 274 -10.88 4.90 2.82
N VAL A 275 -11.93 5.72 2.83
CA VAL A 275 -12.95 5.72 3.88
C VAL A 275 -13.66 4.36 3.98
N LEU A 276 -14.09 3.82 2.83
CA LEU A 276 -14.77 2.51 2.77
C LEU A 276 -13.88 1.37 3.31
N SER A 277 -12.63 1.33 2.83
CA SER A 277 -11.57 0.44 3.33
C SER A 277 -11.39 0.48 4.87
N LYS A 278 -11.18 1.67 5.42
CA LYS A 278 -11.15 1.91 6.88
C LYS A 278 -12.46 1.54 7.66
N ASP A 279 -13.61 1.88 7.09
CA ASP A 279 -14.91 1.69 7.75
C ASP A 279 -15.34 0.21 7.94
N LYS A 280 -15.26 -0.54 6.84
CA LYS A 280 -15.89 -1.86 6.62
C LYS A 280 -15.34 -3.07 7.41
N VAL A 281 -14.17 -2.88 8.03
CA VAL A 281 -13.50 -3.92 8.83
C VAL A 281 -14.32 -4.34 10.04
N LEU A 282 -15.15 -3.43 10.55
CA LEU A 282 -15.88 -3.68 11.79
C LEU A 282 -16.81 -4.83 11.66
N GLU A 283 -17.70 -4.78 10.68
CA GLU A 283 -18.65 -5.85 10.44
CA GLU A 283 -18.65 -5.84 10.40
C GLU A 283 -17.94 -7.19 10.30
N LYS A 284 -16.84 -7.21 9.51
CA LYS A 284 -16.16 -8.47 9.17
CA LYS A 284 -16.17 -8.47 9.17
C LYS A 284 -15.62 -9.16 10.40
N MET A 285 -15.27 -8.39 11.42
CA MET A 285 -14.76 -8.92 12.67
C MET A 285 -15.84 -9.30 13.66
N LEU A 286 -16.94 -8.57 13.65
CA LEU A 286 -17.84 -8.65 14.80
C LEU A 286 -19.02 -9.50 14.47
N GLY A 287 -19.42 -9.48 13.20
CA GLY A 287 -20.59 -10.18 12.73
C GLY A 287 -21.82 -9.32 12.44
N TYR A 288 -21.72 -8.03 12.77
CA TYR A 288 -22.89 -7.17 12.73
C TYR A 288 -22.34 -5.81 12.51
N SER A 289 -23.22 -4.86 12.23
CA SER A 289 -22.67 -3.52 11.98
C SER A 289 -23.09 -2.47 13.05
N PRO A 290 -22.11 -2.05 13.88
CA PRO A 290 -22.34 -0.89 14.73
C PRO A 290 -22.50 0.36 13.88
N TYR A 291 -23.25 1.36 14.36
CA TYR A 291 -23.21 2.67 13.70
C TYR A 291 -21.78 3.20 13.61
N SER A 292 -21.19 3.18 12.43
CA SER A 292 -19.80 3.66 12.26
CA SER A 292 -19.82 3.67 12.27
C SER A 292 -19.79 4.98 11.49
N ILE A 293 -18.82 5.87 11.78
CA ILE A 293 -18.51 7.03 10.93
CA ILE A 293 -18.51 6.97 10.89
C ILE A 293 -17.00 7.10 10.78
N THR A 294 -16.55 7.25 9.54
CA THR A 294 -15.14 7.33 9.28
C THR A 294 -14.96 8.52 8.33
N GLU A 295 -14.15 9.50 8.72
CA GLU A 295 -13.90 10.68 7.92
C GLU A 295 -12.44 10.96 7.79
N ILE A 296 -12.01 11.59 6.69
CA ILE A 296 -10.62 12.06 6.54
C ILE A 296 -10.81 13.51 6.12
N GLN A 297 -10.07 14.43 6.72
CA GLN A 297 -10.14 15.83 6.35
C GLN A 297 -8.71 16.34 6.20
N TYR A 298 -8.48 17.21 5.24
CA TYR A 298 -7.19 17.92 5.11
C TYR A 298 -7.00 18.87 6.30
N PHE A 299 -5.76 19.00 6.77
CA PHE A 299 -5.44 19.85 7.93
C PHE A 299 -3.98 20.07 7.69
N PRO A 300 -3.64 21.17 6.98
CA PRO A 300 -2.31 21.29 6.45
C PRO A 300 -1.20 21.42 7.48
N SER A 301 -1.43 22.02 8.66
CA SER A 301 -0.33 22.21 9.63
C SER A 301 0.31 20.88 10.08
N LEU A 302 -0.46 19.80 9.94
CA LEU A 302 -0.04 18.49 10.37
C LEU A 302 0.85 17.80 9.41
N VAL A 303 0.94 18.29 8.19
CA VAL A 303 1.73 17.62 7.18
C VAL A 303 1.56 16.08 7.25
N ASP A 304 2.64 15.29 7.16
CA ASP A 304 2.42 13.83 7.14
C ASP A 304 2.14 13.23 8.53
N ASN A 305 1.86 14.08 9.53
CA ASN A 305 1.72 13.69 10.95
C ASN A 305 0.25 13.52 11.17
N LYS A 306 -0.28 12.50 10.54
CA LYS A 306 -1.70 12.17 10.60
C LYS A 306 -2.06 11.87 12.05
N THR A 307 -3.21 12.39 12.50
CA THR A 307 -3.71 12.25 13.90
C THR A 307 -5.10 11.75 13.72
N ALA A 308 -5.58 10.84 14.59
CA ALA A 308 -6.83 10.12 14.44
C ALA A 308 -7.54 10.21 15.75
N PHE A 309 -8.83 10.52 15.78
CA PHE A 309 -9.53 10.59 17.04
C PHE A 309 -10.62 9.49 16.98
N ASP A 310 -10.76 8.56 17.95
CA ASP A 310 -11.77 7.55 17.78
C ASP A 310 -12.56 7.46 19.06
N PHE A 311 -13.80 7.04 18.98
CA PHE A 311 -14.61 6.97 20.15
C PHE A 311 -15.38 5.66 19.95
N VAL A 312 -15.59 4.88 21.00
CA VAL A 312 -16.21 3.63 20.83
C VAL A 312 -17.26 3.66 21.95
N HIS A 313 -18.53 3.53 21.59
CA HIS A 313 -19.60 3.46 22.53
C HIS A 313 -20.08 2.01 22.51
N PHE A 314 -20.23 1.37 23.67
CA PHE A 314 -20.44 -0.09 23.69
C PHE A 314 -21.23 -0.45 24.90
N LYS A 315 -22.08 -1.48 24.78
CA LYS A 315 -22.93 -2.00 25.82
C LYS A 315 -22.33 -3.22 26.51
N GLY A 316 -22.55 -3.33 27.83
CA GLY A 316 -22.01 -4.43 28.63
C GLY A 316 -23.16 -5.01 29.40
N PHE A 317 -22.87 -5.52 30.61
CA PHE A 317 -23.80 -6.35 31.41
C PHE A 317 -25.06 -5.57 31.77
N LEU A 318 -26.24 -6.21 31.70
CA LEU A 318 -27.42 -5.46 31.99
C LEU A 318 -27.74 -4.39 30.93
N GLY A 319 -26.94 -4.29 29.85
CA GLY A 319 -27.18 -3.32 28.78
C GLY A 319 -26.61 -1.92 29.02
N LYS A 320 -25.84 -1.75 30.08
CA LYS A 320 -25.45 -0.40 30.43
C LYS A 320 -24.41 -0.04 29.40
N LEU A 321 -24.50 1.17 28.86
CA LEU A 321 -23.43 1.71 27.97
C LEU A 321 -22.26 2.39 28.67
N MET A 322 -21.13 2.51 27.93
CA MET A 322 -19.86 2.81 28.47
C MET A 322 -19.03 3.37 27.28
N LYS A 323 -17.84 3.95 27.50
CA LYS A 323 -17.12 4.77 26.49
C LYS A 323 -15.62 4.52 26.52
N PHE A 324 -14.99 4.47 25.36
CA PHE A 324 -13.54 4.32 25.26
C PHE A 324 -13.21 5.32 24.20
N TYR A 325 -12.03 6.00 24.30
CA TYR A 325 -11.65 7.08 23.42
C TYR A 325 -10.23 6.76 23.17
N PHE A 326 -9.75 7.05 21.96
CA PHE A 326 -8.29 6.99 21.75
C PHE A 326 -7.82 8.01 20.75
N ILE A 327 -6.54 8.41 20.85
CA ILE A 327 -6.03 9.41 19.95
C ILE A 327 -4.67 8.86 19.50
N TRP A 328 -4.41 8.88 18.19
CA TRP A 328 -3.21 8.30 17.58
C TRP A 328 -2.43 9.44 16.94
N ASP A 329 -1.14 9.54 17.22
CA ASP A 329 -0.33 10.67 16.78
C ASP A 329 0.99 10.07 16.30
N ALA A 330 1.17 9.98 14.98
CA ALA A 330 2.26 9.23 14.39
C ALA A 330 2.60 9.84 13.05
N ILE A 331 3.78 9.58 12.51
CA ILE A 331 4.03 10.06 11.17
C ILE A 331 3.63 8.92 10.23
N ASP A 332 2.66 9.16 9.35
CA ASP A 332 2.20 8.10 8.46
C ASP A 332 3.35 7.39 7.73
N ALA A 333 4.31 8.16 7.21
CA ALA A 333 5.41 7.63 6.44
C ALA A 333 6.26 6.71 7.28
N ILE A 334 6.19 6.86 8.63
CA ILE A 334 7.11 6.14 9.51
C ILE A 334 6.55 4.77 9.79
N VAL A 335 5.23 4.69 9.96
CA VAL A 335 4.61 3.40 10.17
C VAL A 335 4.38 2.61 8.87
N ALA A 336 4.43 3.26 7.70
CA ALA A 336 4.22 2.58 6.42
C ALA A 336 5.50 2.15 5.74
N ALA A 337 6.52 2.98 5.80
CA ALA A 337 7.75 2.65 5.04
C ALA A 337 8.38 1.27 5.38
N PRO A 338 8.42 0.85 6.67
CA PRO A 338 9.07 -0.46 6.83
C PRO A 338 8.26 -1.60 6.24
N LEU A 339 6.95 -1.42 6.12
CA LEU A 339 6.09 -2.45 5.59
C LEU A 339 6.24 -2.67 4.09
N ILE A 340 6.68 -1.66 3.39
CA ILE A 340 6.98 -1.76 2.00
C ILE A 340 8.15 -2.70 1.82
N LEU A 341 9.13 -2.56 2.72
CA LEU A 341 10.31 -3.39 2.65
C LEU A 341 9.94 -4.77 3.11
N ASP A 342 9.07 -4.90 4.10
CA ASP A 342 8.62 -6.23 4.49
C ASP A 342 7.87 -6.92 3.39
N ILE A 343 6.90 -6.24 2.81
CA ILE A 343 6.09 -6.80 1.73
C ILE A 343 6.99 -7.25 0.56
N ALA A 344 7.99 -6.46 0.23
CA ALA A 344 8.85 -6.81 -0.87
C ALA A 344 9.56 -8.16 -0.56
N ARG A 345 10.07 -8.29 0.66
CA ARG A 345 10.87 -9.47 1.03
C ARG A 345 10.02 -10.74 1.12
N PHE A 346 8.80 -10.58 1.65
CA PHE A 346 7.87 -11.67 1.81
C PHE A 346 7.36 -12.11 0.44
N LEU A 347 7.17 -11.15 -0.47
CA LEU A 347 6.82 -11.50 -1.87
C LEU A 347 7.90 -12.31 -2.53
N LEU A 348 9.14 -11.86 -2.40
CA LEU A 348 10.27 -12.64 -2.93
C LEU A 348 10.33 -14.03 -2.27
N PHE A 349 10.21 -14.11 -0.95
CA PHE A 349 10.12 -15.42 -0.28
C PHE A 349 9.05 -16.27 -0.96
N ALA A 350 7.81 -15.78 -0.98
CA ALA A 350 6.70 -16.51 -1.53
C ALA A 350 7.00 -16.91 -2.95
N LYS A 351 7.67 -16.03 -3.70
CA LYS A 351 8.02 -16.35 -5.09
C LYS A 351 8.99 -17.51 -5.19
N LYS A 352 10.09 -17.39 -4.46
CA LYS A 352 11.08 -18.44 -4.41
C LYS A 352 10.53 -19.76 -3.88
N LYS A 353 9.46 -19.75 -3.10
CA LYS A 353 8.88 -20.98 -2.56
C LYS A 353 7.75 -21.62 -3.40
N GLY A 354 7.61 -21.19 -4.65
CA GLY A 354 6.57 -21.71 -5.51
C GLY A 354 5.15 -21.19 -5.34
N VAL A 355 4.92 -20.21 -4.45
CA VAL A 355 3.58 -19.63 -4.23
C VAL A 355 3.06 -18.83 -5.45
N LYS A 356 1.80 -19.05 -5.82
CA LYS A 356 1.19 -18.34 -6.93
C LYS A 356 -0.13 -17.69 -6.50
N GLY A 357 -0.58 -16.68 -7.24
CA GLY A 357 -1.88 -16.05 -6.95
C GLY A 357 -1.83 -15.22 -5.67
N VAL A 358 -3.02 -14.88 -5.15
CA VAL A 358 -3.13 -14.04 -3.98
C VAL A 358 -2.47 -14.78 -2.81
N VAL A 359 -1.54 -14.11 -2.15
CA VAL A 359 -0.96 -14.59 -0.92
C VAL A 359 -1.87 -14.05 0.15
N LYS A 360 -2.90 -14.83 0.44
CA LYS A 360 -3.91 -14.37 1.36
C LYS A 360 -3.32 -14.21 2.77
N GLU A 361 -2.23 -14.95 3.01
CA GLU A 361 -1.62 -14.98 4.32
C GLU A 361 -0.79 -13.78 4.63
N MET A 362 -0.65 -12.89 3.65
CA MET A 362 -0.11 -11.55 3.93
C MET A 362 -1.20 -10.55 4.38
N ALA A 363 -2.39 -11.01 4.70
CA ALA A 363 -3.49 -10.11 5.13
C ALA A 363 -3.06 -9.14 6.24
N PHE A 364 -2.14 -9.58 7.11
CA PHE A 364 -1.63 -8.78 8.27
C PHE A 364 -1.21 -7.36 7.91
N PHE A 365 -0.72 -7.18 6.69
CA PHE A 365 -0.24 -5.87 6.28
C PHE A 365 -1.30 -4.92 5.79
N PHE A 366 -2.55 -5.38 5.63
CA PHE A 366 -3.51 -4.72 4.74
C PHE A 366 -4.87 -4.46 5.35
N LYS A 367 -5.52 -3.38 4.93
CA LYS A 367 -6.83 -3.03 5.50
C LYS A 367 -7.90 -3.80 4.81
N SER A 368 -7.70 -4.00 3.51
CA SER A 368 -8.63 -4.77 2.69
C SER A 368 -7.94 -5.97 2.09
N PRO A 369 -7.71 -7.03 2.90
CA PRO A 369 -6.97 -8.20 2.40
C PRO A 369 -7.77 -9.05 1.39
N MET A 370 -7.12 -9.30 0.26
CA MET A 370 -7.72 -10.08 -0.81
C MET A 370 -7.90 -11.50 -0.39
N ASP A 371 -9.04 -12.08 -0.76
CA ASP A 371 -9.30 -13.51 -0.63
C ASP A 371 -9.30 -14.06 0.80
N THR A 372 -9.71 -13.24 1.77
CA THR A 372 -9.70 -13.68 3.15
C THR A 372 -10.70 -12.87 4.00
N ASN A 373 -11.33 -13.54 4.95
CA ASN A 373 -12.20 -12.85 5.91
C ASN A 373 -11.47 -12.74 7.27
N VAL A 374 -10.14 -12.91 7.29
CA VAL A 374 -9.34 -12.81 8.52
C VAL A 374 -8.91 -11.34 8.66
N ILE A 375 -9.51 -10.65 9.64
CA ILE A 375 -9.37 -9.22 9.79
C ILE A 375 -8.66 -8.89 11.09
N ASN A 376 -9.09 -9.52 12.18
CA ASN A 376 -8.44 -9.51 13.48
C ASN A 376 -6.93 -9.50 13.41
N THR A 377 -6.27 -8.53 14.03
CA THR A 377 -4.79 -8.39 13.92
C THR A 377 -4.03 -9.58 14.49
N HIS A 378 -4.56 -10.14 15.58
CA HIS A 378 -3.93 -11.24 16.28
CA HIS A 378 -3.87 -11.27 16.23
C HIS A 378 -3.95 -12.46 15.35
N GLU A 379 -5.15 -12.80 14.83
CA GLU A 379 -5.30 -13.92 13.92
C GLU A 379 -4.47 -13.76 12.66
N GLN A 380 -4.39 -12.53 12.17
CA GLN A 380 -3.63 -12.25 10.98
C GLN A 380 -2.18 -12.49 11.23
N PHE A 381 -1.73 -12.23 12.46
CA PHE A 381 -0.31 -12.36 12.80
C PHE A 381 0.05 -13.82 12.97
N VAL A 382 -0.85 -14.59 13.59
CA VAL A 382 -0.73 -16.06 13.62
C VAL A 382 -0.68 -16.69 12.23
N VAL A 383 -1.53 -16.23 11.30
CA VAL A 383 -1.61 -16.80 9.93
C VAL A 383 -0.31 -16.56 9.15
N LEU A 384 0.27 -15.38 9.36
CA LEU A 384 1.47 -14.99 8.69
C LEU A 384 2.65 -15.77 9.30
N LYS A 385 2.67 -15.91 10.64
CA LYS A 385 3.72 -16.71 11.28
C LYS A 385 3.68 -18.13 10.80
N GLU A 386 2.48 -18.72 10.81
CA GLU A 386 2.27 -20.10 10.40
C GLU A 386 2.56 -20.31 8.93
N TRP A 387 2.07 -19.40 8.08
CA TRP A 387 2.38 -19.45 6.64
C TRP A 387 3.89 -19.55 6.40
N TYR A 388 4.66 -18.64 7.01
CA TYR A 388 6.12 -18.63 6.86
C TYR A 388 6.74 -19.96 7.33
N SER A 389 6.33 -20.46 8.50
CA SER A 389 6.84 -21.74 9.02
C SER A 389 6.58 -22.90 8.06
N ASN A 390 5.38 -22.95 7.50
CA ASN A 390 4.98 -24.00 6.56
C ASN A 390 5.79 -24.05 5.26
N LEU A 391 6.47 -22.96 4.91
CA LEU A 391 7.16 -22.86 3.63
C LEU A 391 8.66 -22.77 3.82
N LYS A 392 9.08 -22.35 5.01
CA LYS A 392 10.49 -22.10 5.28
CA LYS A 392 10.49 -22.13 5.33
C LYS A 392 11.33 -23.35 4.97
P PO4 B . -10.19 -17.33 5.21
O1 PO4 B . -10.06 -18.08 6.52
O2 PO4 B . -11.12 -16.16 5.40
O3 PO4 B . -8.80 -16.96 4.70
O4 PO4 B . -10.79 -18.21 4.14
PA NAI C . 2.26 10.93 -1.46
O1A NAI C . 3.37 11.74 -0.77
O2A NAI C . 1.24 11.68 -2.30
O5B NAI C . 2.94 9.84 -2.46
C5B NAI C . 2.22 9.39 -3.62
C4B NAI C . 3.07 9.70 -4.86
O4B NAI C . 2.57 9.00 -5.99
C3B NAI C . 3.14 11.18 -5.23
O3B NAI C . 4.56 11.45 -5.32
C2B NAI C . 2.46 11.29 -6.59
O2B NAI C . 3.11 12.20 -7.49
C1B NAI C . 2.56 9.88 -7.14
N9A NAI C . 1.41 9.40 -7.96
C8A NAI C . 0.11 9.63 -7.77
N7A NAI C . -0.59 8.98 -8.72
C5A NAI C . 0.31 8.35 -9.50
C6A NAI C . 0.18 7.54 -10.61
N6A NAI C . -1.06 7.27 -11.08
N1A NAI C . 1.29 7.02 -11.20
C2A NAI C . 2.50 7.30 -10.69
N3A NAI C . 2.66 8.08 -9.60
C4A NAI C . 1.56 8.61 -9.02
O3 NAI C . 1.41 9.96 -0.45
PN NAI C . 2.06 8.94 0.64
O1N NAI C . 1.73 9.53 1.99
O2N NAI C . 3.49 8.59 0.19
O5D NAI C . 1.13 7.63 0.54
C5D NAI C . 1.21 6.76 -0.58
C4D NAI C . -0.09 5.98 -0.74
O4D NAI C . -0.19 5.03 0.33
C3D NAI C . -1.34 6.84 -0.70
O3D NAI C . -2.22 6.38 -1.73
C2D NAI C . -1.96 6.49 0.65
O2D NAI C . -3.38 6.56 0.67
C1D NAI C . -1.52 5.06 0.85
N1N NAI C . -1.55 4.70 2.27
C2N NAI C . -0.63 5.28 3.07
C3N NAI C . -0.52 4.87 4.38
C7N NAI C . 0.38 5.66 5.29
O7N NAI C . 1.23 6.57 4.81
N7N NAI C . 0.32 5.43 6.53
C4N NAI C . -1.52 4.01 4.90
C5N NAI C . -2.31 3.27 4.03
C6N NAI C . -2.29 3.64 2.68
O1 PG4 D . 12.64 -6.15 -25.36
C1 PG4 D . 13.04 -5.31 -26.47
C2 PG4 D . 12.33 -3.97 -26.37
O2 PG4 D . 10.92 -4.18 -26.20
C3 PG4 D . 10.24 -3.09 -25.60
C4 PG4 D . 8.74 -3.36 -25.56
O3 PG4 D . 8.38 -4.22 -24.49
C5 PG4 D . 7.34 -5.15 -24.83
C6 PG4 D . 6.83 -5.91 -23.61
O4 PG4 D . 7.65 -7.01 -23.17
C7 PG4 D . 7.21 -8.32 -23.61
C8 PG4 D . 7.91 -9.47 -22.83
O5 PG4 D . 9.34 -9.59 -22.99
P PO4 E . -4.56 4.01 8.77
O1 PO4 E . -3.84 2.74 9.13
O2 PO4 E . -4.22 5.13 9.70
O3 PO4 E . -4.05 4.39 7.41
O4 PO4 E . -6.04 3.72 8.83
P KPG F . -5.05 3.56 9.25
C1 KPG F . -6.09 8.43 7.47
C2 KPG F . -4.81 8.57 6.67
O2 KPG F . -3.67 8.47 7.57
C3 KPG F . -4.77 7.47 5.60
O3 KPG F . -4.30 7.92 4.33
C4 KPG F . -3.93 6.31 6.06
O4 KPG F . -2.79 6.22 5.21
C5 KPG F . -4.77 5.08 5.91
O5 KPG F . -4.81 4.46 4.87
C6 KPG F . -5.56 4.59 7.09
O6 KPG F . -4.85 3.50 7.65
O11 KPG F . -7.23 8.46 6.61
O12 KPG F . -6.18 9.55 8.35
O1P KPG F . -4.74 2.12 9.90
O2P KPG F . -4.02 4.68 9.79
O3P KPG F . -6.55 4.02 9.57
C1 GOL G . 5.13 12.88 18.59
O1 GOL G . 5.21 14.18 19.15
C2 GOL G . 5.22 12.98 17.09
O2 GOL G . 4.14 13.69 16.53
C3 GOL G . 5.11 11.60 16.51
O3 GOL G . 5.46 11.79 15.17
NA NA H . 0.23 14.54 20.91
#